data_6BOV
#
_entry.id   6BOV
#
_cell.length_a   44.358
_cell.length_b   60.371
_cell.length_c   73.343
_cell.angle_alpha   83.56
_cell.angle_beta   78.43
_cell.angle_gamma   88.30
#
_symmetry.space_group_name_H-M   'P 1'
#
loop_
_entity.id
_entity.type
_entity.pdbx_description
1 polymer 'DNA-(apurinic or apyrimidinic site) lyase'
2 polymer '21-mer DNA'
3 polymer '21-mer DNA'
4 non-polymer DI(HYDROXYETHYL)ETHER
5 water water
#
loop_
_entity_poly.entity_id
_entity_poly.type
_entity_poly.pdbx_seq_one_letter_code
_entity_poly.pdbx_strand_id
1 'polypeptide(L)'
;MPKRGKKGAVAEDGDELRTEPEAKKSKTAAKKNDKEAAGEGPALYEDPPDQKTSPSGKPATLKICSWNVDGLRAWIKKKG
LDWVKEEAPDILCLQQTKCSENKLPAELQELPGLSHQYWSAPSDKEGYSGVGLLSRQAPLKVSYGIGDEEHDQEGRVIVA
EFDSFVLVTAYVPNAGRGLVRLEYRQRWDEAFRKFLKGLASRKPLVLCGNLNVAHEEIDLRNPKGNKKNAGFTPQERQGF
GELLQAVPLADSFRHLYPNTPYAYTFWTYMMNARSKNVGWRLDYFLLSHSLLPALCDSKIRSKALGSDHCPITLYLAL
;
A,B
2 'polydeoxyribonucleotide'
;(DG)(DC)(DT)(DG)(DA)(DT)(DG)(DC)(DG)(DG)(3DR)(DC)(DG)(DA)(DC)(DG)(DG)(DA)(DT)
(DC)(DC)
;
P
3 'polydeoxyribonucleotide'
;(DG)(DG)(DA)(DT)(DC)(DC)(DG)(DT)(DC)(DG)(DA)(DA)(DC)(DG)(DC)(DA)(DT)(DC)(DA)(DG)
(DC)
;
V
#
loop_
_chem_comp.id
_chem_comp.type
_chem_comp.name
_chem_comp.formula
3DR DNA linking 1',2'-DIDEOXYRIBOFURANOSE-5'-PHOSPHATE 'C5 H11 O6 P'
DA DNA linking 2'-DEOXYADENOSINE-5'-MONOPHOSPHATE 'C10 H14 N5 O6 P'
DC DNA linking 2'-DEOXYCYTIDINE-5'-MONOPHOSPHATE 'C9 H14 N3 O7 P'
DG DNA linking 2'-DEOXYGUANOSINE-5'-MONOPHOSPHATE 'C10 H14 N5 O7 P'
DT DNA linking THYMIDINE-5'-MONOPHOSPHATE 'C10 H15 N2 O8 P'
PEG non-polymer DI(HYDROXYETHYL)ETHER 'C4 H10 O3'
#
# COMPACT_ATOMS: atom_id res chain seq x y z
N ALA A 43 43.14 4.83 0.28
CA ALA A 43 43.05 5.50 1.56
C ALA A 43 41.76 5.14 2.28
N LEU A 44 41.90 4.71 3.54
CA LEU A 44 40.74 4.49 4.39
C LEU A 44 40.13 5.82 4.78
N TYR A 45 38.90 5.77 5.24
CA TYR A 45 38.15 6.95 5.62
C TYR A 45 37.61 6.77 7.04
N GLU A 46 37.55 7.86 7.79
CA GLU A 46 37.00 7.87 9.14
C GLU A 46 35.98 8.98 9.20
N ASP A 47 34.71 8.60 9.28
CA ASP A 47 33.66 9.60 9.37
C ASP A 47 33.93 10.45 10.61
N PRO A 48 33.80 11.78 10.52
CA PRO A 48 33.98 12.64 11.72
C PRO A 48 32.91 12.37 12.77
N PRO A 49 33.12 12.84 14.00
CA PRO A 49 32.13 12.60 15.05
C PRO A 49 30.79 13.27 14.75
N ASP A 50 29.75 12.70 15.32
CA ASP A 50 28.39 13.20 15.15
C ASP A 50 28.22 14.62 15.65
N GLN A 51 27.75 15.52 14.78
CA GLN A 51 27.46 16.90 15.15
C GLN A 51 25.95 17.02 15.38
N LYS A 52 25.55 17.22 16.64
CA LYS A 52 24.14 17.12 17.01
C LYS A 52 23.53 18.47 17.28
N THR A 53 24.19 19.53 16.87
CA THR A 53 23.67 20.89 17.00
CA THR A 53 23.71 20.89 17.02
C THR A 53 23.79 21.59 15.66
N SER A 54 22.71 22.26 15.27
CA SER A 54 22.67 22.96 13.99
C SER A 54 23.71 24.09 13.98
N PRO A 55 24.10 24.59 12.79
CA PRO A 55 25.23 25.55 12.75
C PRO A 55 25.04 26.71 13.69
N SER A 56 23.78 27.13 13.88
CA SER A 56 23.40 28.21 14.77
C SER A 56 23.44 27.84 16.25
N GLY A 57 23.27 26.56 16.59
CA GLY A 57 23.33 26.17 17.98
C GLY A 57 22.10 25.46 18.52
N LYS A 58 21.12 25.02 17.57
CA LYS A 58 19.90 24.33 17.99
C LYS A 58 20.13 22.81 18.04
N PRO A 59 19.52 22.10 18.99
CA PRO A 59 19.82 20.68 19.15
C PRO A 59 19.02 19.81 18.18
N ALA A 60 19.67 18.78 17.66
CA ALA A 60 18.97 17.85 16.78
C ALA A 60 17.79 17.21 17.52
N THR A 61 16.63 17.13 16.84
CA THR A 61 15.47 16.45 17.41
C THR A 61 15.05 15.22 16.61
N LEU A 62 15.64 14.97 15.46
CA LEU A 62 15.17 13.90 14.58
C LEU A 62 16.38 13.21 14.00
N LYS A 63 16.41 11.89 14.09
CA LYS A 63 17.49 11.08 13.55
C LYS A 63 16.92 10.11 12.52
N ILE A 64 17.38 10.20 11.27
CA ILE A 64 16.93 9.32 10.17
C ILE A 64 18.10 8.48 9.68
N CYS A 65 17.88 7.18 9.59
CA CYS A 65 18.89 6.28 9.11
C CYS A 65 18.36 5.64 7.82
N SER A 66 19.22 5.57 6.81
CA SER A 66 18.85 4.99 5.52
C SER A 66 19.87 3.91 5.21
N TRP A 67 19.37 2.74 4.82
CA TRP A 67 20.29 1.63 4.60
C TRP A 67 19.80 0.80 3.41
N ASN A 68 20.64 0.71 2.38
CA ASN A 68 20.40 -0.25 1.31
C ASN A 68 20.92 -1.62 1.78
N VAL A 69 20.00 -2.48 2.20
CA VAL A 69 20.34 -3.72 2.92
C VAL A 69 20.65 -4.89 1.99
N ASP A 70 20.35 -4.78 0.70
CA ASP A 70 20.71 -5.81 -0.28
C ASP A 70 20.31 -7.21 0.20
N GLY A 71 19.01 -7.39 0.36
CA GLY A 71 18.50 -8.62 0.91
C GLY A 71 18.13 -8.52 2.36
N LEU A 72 16.89 -8.16 2.66
CA LEU A 72 16.52 -7.89 4.05
C LEU A 72 16.73 -9.11 4.93
N ARG A 73 16.40 -10.31 4.42
CA ARG A 73 16.48 -11.50 5.25
C ARG A 73 17.93 -11.87 5.53
N ALA A 74 18.79 -11.78 4.51
CA ALA A 74 20.22 -11.98 4.72
C ALA A 74 20.78 -10.93 5.67
N TRP A 75 20.37 -9.67 5.50
CA TRP A 75 20.86 -8.59 6.34
C TRP A 75 20.48 -8.81 7.80
N ILE A 76 19.26 -9.31 8.05
CA ILE A 76 18.86 -9.61 9.41
C ILE A 76 19.72 -10.73 9.99
N LYS A 77 19.99 -11.77 9.18
CA LYS A 77 20.82 -12.87 9.65
C LYS A 77 22.26 -12.42 9.90
N LYS A 78 22.71 -11.40 9.18
CA LYS A 78 24.02 -10.81 9.44
C LYS A 78 23.98 -9.71 10.50
N LYS A 79 22.95 -9.71 11.33
CA LYS A 79 22.80 -8.89 12.54
C LYS A 79 22.64 -7.40 12.25
N GLY A 80 22.11 -7.06 11.06
CA GLY A 80 21.91 -5.66 10.72
C GLY A 80 20.93 -4.98 11.63
N LEU A 81 19.96 -5.73 12.17
CA LEU A 81 18.98 -5.12 13.06
C LEU A 81 19.58 -4.82 14.43
N ASP A 82 20.59 -5.58 14.86
CA ASP A 82 21.30 -5.21 16.08
C ASP A 82 21.98 -3.86 15.90
N TRP A 83 22.49 -3.60 14.70
CA TRP A 83 23.07 -2.29 14.47
C TRP A 83 22.00 -1.20 14.50
N VAL A 84 20.83 -1.45 13.88
CA VAL A 84 19.78 -0.43 13.92
C VAL A 84 19.43 -0.06 15.37
N LYS A 85 19.33 -1.07 16.23
CA LYS A 85 18.96 -0.82 17.63
C LYS A 85 20.00 0.02 18.35
N GLU A 86 21.28 -0.16 18.03
CA GLU A 86 22.31 0.70 18.57
C GLU A 86 22.24 2.12 18.01
N GLU A 87 21.81 2.28 16.75
CA GLU A 87 21.71 3.60 16.14
C GLU A 87 20.50 4.35 16.64
N ALA A 88 19.45 3.62 17.00
CA ALA A 88 18.22 4.16 17.59
C ALA A 88 17.64 5.34 16.81
N PRO A 89 17.44 5.21 15.50
CA PRO A 89 16.87 6.34 14.75
C PRO A 89 15.38 6.47 15.02
N ASP A 90 14.87 7.69 14.81
CA ASP A 90 13.42 7.95 14.78
C ASP A 90 12.73 7.34 13.55
N ILE A 91 13.41 7.33 12.42
CA ILE A 91 12.88 6.81 11.16
C ILE A 91 13.98 6.00 10.50
N LEU A 92 13.62 4.83 10.00
CA LEU A 92 14.54 3.97 9.29
C LEU A 92 13.95 3.68 7.92
N CYS A 93 14.74 3.93 6.89
CA CYS A 93 14.39 3.65 5.50
C CYS A 93 15.33 2.59 4.97
N LEU A 94 14.77 1.58 4.34
CA LEU A 94 15.51 0.46 3.82
C LEU A 94 15.29 0.35 2.32
N GLN A 95 16.33 0.01 1.59
CA GLN A 95 16.17 -0.19 0.16
C GLN A 95 16.76 -1.52 -0.25
N GLN A 96 16.32 -2.00 -1.43
CA GLN A 96 16.75 -3.29 -1.96
C GLN A 96 16.52 -4.41 -0.93
N THR A 97 15.27 -4.48 -0.45
CA THR A 97 14.93 -5.47 0.58
C THR A 97 14.82 -6.86 -0.03
N LYS A 98 14.47 -6.96 -1.31
CA LYS A 98 14.32 -8.26 -1.97
C LYS A 98 13.42 -9.21 -1.20
N CYS A 99 12.30 -8.71 -0.69
CA CYS A 99 11.48 -9.51 0.21
C CYS A 99 10.06 -8.97 0.15
N SER A 100 9.08 -9.85 -0.04
CA SER A 100 7.69 -9.41 0.02
C SER A 100 7.23 -9.38 1.47
N GLU A 101 6.11 -8.70 1.69
CA GLU A 101 5.64 -8.45 3.05
C GLU A 101 5.34 -9.74 3.79
N ASN A 102 4.85 -10.75 3.09
CA ASN A 102 4.51 -11.97 3.82
C ASN A 102 5.75 -12.73 4.28
N LYS A 103 6.94 -12.37 3.80
CA LYS A 103 8.18 -13.04 4.22
C LYS A 103 9.00 -12.22 5.21
N LEU A 104 8.51 -11.07 5.65
CA LEU A 104 9.29 -10.27 6.61
C LEU A 104 9.53 -11.10 7.87
N PRO A 105 10.78 -11.24 8.30
CA PRO A 105 11.05 -12.00 9.53
C PRO A 105 10.40 -11.35 10.74
N ALA A 106 10.07 -12.19 11.73
CA ALA A 106 9.33 -11.70 12.88
C ALA A 106 10.12 -10.74 13.74
N GLU A 107 11.46 -10.77 13.65
CA GLU A 107 12.28 -9.76 14.32
C GLU A 107 11.79 -8.34 14.04
N LEU A 108 11.20 -8.11 12.86
CA LEU A 108 10.70 -6.78 12.52
C LEU A 108 9.47 -6.40 13.33
N GLN A 109 8.73 -7.37 13.86
CA GLN A 109 7.68 -7.07 14.83
C GLN A 109 8.20 -6.83 16.23
N GLU A 110 9.52 -6.87 16.43
CA GLU A 110 10.10 -6.66 17.74
C GLU A 110 10.86 -5.35 17.83
N LEU A 111 10.49 -4.36 17.01
CA LEU A 111 11.10 -3.04 17.07
C LEU A 111 10.04 -2.09 17.62
N PRO A 112 9.99 -1.87 18.94
CA PRO A 112 8.89 -1.09 19.53
C PRO A 112 9.01 0.40 19.26
N GLY A 113 10.23 0.90 19.17
CA GLY A 113 10.46 2.26 18.78
C GLY A 113 10.39 2.54 17.27
N LEU A 114 10.11 1.51 16.46
CA LEU A 114 9.91 1.70 15.02
C LEU A 114 8.70 0.89 14.58
N SER A 115 7.57 1.17 15.20
CA SER A 115 6.41 0.31 15.10
C SER A 115 5.50 0.62 13.92
N HIS A 116 5.67 1.77 13.28
CA HIS A 116 4.85 2.10 12.13
C HIS A 116 5.65 1.79 10.88
N GLN A 117 5.26 0.73 10.17
CA GLN A 117 6.09 0.15 9.13
C GLN A 117 5.32 0.06 7.83
N TYR A 118 6.01 0.41 6.74
CA TYR A 118 5.45 0.53 5.41
C TYR A 118 6.40 -0.14 4.43
N TRP A 119 5.86 -1.02 3.60
CA TRP A 119 6.69 -1.86 2.78
C TRP A 119 6.19 -1.80 1.35
N SER A 120 7.12 -1.81 0.41
CA SER A 120 6.72 -1.84 -0.98
C SER A 120 7.70 -2.70 -1.78
N ALA A 121 7.16 -3.70 -2.47
CA ALA A 121 7.86 -4.66 -3.31
C ALA A 121 7.27 -4.64 -4.72
N PRO A 122 8.04 -5.00 -5.74
CA PRO A 122 7.47 -5.10 -7.09
C PRO A 122 6.50 -6.26 -7.19
N SER A 123 5.48 -6.08 -8.01
CA SER A 123 4.55 -7.19 -8.25
C SER A 123 5.16 -8.22 -9.20
N ASP A 124 5.75 -7.76 -10.30
CA ASP A 124 6.30 -8.69 -11.29
C ASP A 124 7.43 -9.52 -10.72
N LYS A 125 8.48 -8.89 -10.22
CA LYS A 125 9.75 -9.55 -9.91
C LYS A 125 10.01 -9.62 -8.40
N GLU A 126 9.50 -10.67 -7.75
CA GLU A 126 9.42 -10.68 -6.28
C GLU A 126 10.80 -10.51 -5.63
N GLY A 127 11.78 -11.29 -6.06
CA GLY A 127 13.03 -11.29 -5.33
C GLY A 127 13.95 -10.10 -5.55
N TYR A 128 13.47 -9.05 -6.21
CA TYR A 128 14.30 -7.91 -6.59
C TYR A 128 13.72 -6.61 -6.04
N SER A 129 14.60 -5.59 -5.98
CA SER A 129 14.16 -4.26 -5.57
CA SER A 129 14.25 -4.25 -5.51
C SER A 129 13.57 -4.32 -4.16
N GLY A 130 12.57 -3.47 -3.90
CA GLY A 130 11.81 -3.42 -2.64
C GLY A 130 12.36 -2.37 -1.67
N VAL A 131 11.47 -1.65 -0.98
CA VAL A 131 11.86 -0.61 -0.02
C VAL A 131 10.94 -0.67 1.18
N GLY A 132 11.40 -0.08 2.27
CA GLY A 132 10.64 -0.06 3.51
C GLY A 132 10.88 1.23 4.26
N LEU A 133 9.88 1.64 5.05
CA LEU A 133 10.00 2.83 5.88
C LEU A 133 9.43 2.52 7.25
N LEU A 134 10.26 2.66 8.27
CA LEU A 134 9.86 2.38 9.66
C LEU A 134 10.03 3.65 10.47
N SER A 135 9.04 3.99 11.31
CA SER A 135 9.11 5.24 12.03
CA SER A 135 9.01 5.28 11.98
C SER A 135 8.50 5.11 13.42
N ARG A 136 9.10 5.87 14.35
CA ARG A 136 8.65 5.89 15.75
C ARG A 136 7.25 6.44 15.88
N GLN A 137 6.96 7.54 15.20
CA GLN A 137 5.64 8.15 15.17
C GLN A 137 4.92 7.85 13.85
N ALA A 138 3.58 7.81 13.89
CA ALA A 138 2.82 7.61 12.65
C ALA A 138 3.00 8.81 11.72
N PRO A 139 3.18 8.59 10.42
CA PRO A 139 3.12 9.69 9.47
C PRO A 139 1.68 10.14 9.28
N LEU A 140 1.52 11.37 8.78
CA LEU A 140 0.17 11.84 8.46
C LEU A 140 -0.40 11.13 7.23
N LYS A 141 0.45 10.84 6.26
CA LYS A 141 0.04 10.23 5.00
C LYS A 141 1.18 9.36 4.50
N VAL A 142 0.84 8.27 3.82
CA VAL A 142 1.83 7.43 3.17
C VAL A 142 1.31 7.08 1.79
N SER A 143 2.17 7.12 0.79
CA SER A 143 1.83 6.62 -0.56
C SER A 143 3.03 5.91 -1.14
N TYR A 144 2.81 5.17 -2.26
CA TYR A 144 3.83 4.35 -2.89
C TYR A 144 3.96 4.71 -4.36
N GLY A 145 5.20 4.71 -4.87
CA GLY A 145 5.43 4.98 -6.27
C GLY A 145 5.55 6.46 -6.59
N ILE A 146 5.70 6.74 -7.87
CA ILE A 146 5.93 8.14 -8.26
C ILE A 146 4.78 8.61 -9.15
N GLY A 147 3.60 8.05 -8.91
CA GLY A 147 2.40 8.40 -9.65
C GLY A 147 2.54 8.43 -11.15
N GLU A 154 6.52 -1.03 -8.84
CA GLU A 154 7.96 -1.27 -8.96
C GLU A 154 8.63 -1.54 -7.60
N GLY A 155 7.93 -1.16 -6.52
CA GLY A 155 8.47 -1.19 -5.18
C GLY A 155 9.80 -0.46 -5.07
N ARG A 156 9.83 0.79 -5.52
CA ARG A 156 11.07 1.56 -5.48
C ARG A 156 10.96 2.82 -4.64
N VAL A 157 9.75 3.31 -4.36
CA VAL A 157 9.59 4.64 -3.75
C VAL A 157 8.51 4.61 -2.68
N ILE A 158 8.82 5.15 -1.52
CA ILE A 158 7.81 5.38 -0.50
C ILE A 158 7.81 6.85 -0.16
N VAL A 159 6.63 7.46 -0.08
CA VAL A 159 6.47 8.84 0.32
C VAL A 159 5.71 8.89 1.63
N ALA A 160 6.23 9.62 2.60
CA ALA A 160 5.59 9.73 3.91
C ALA A 160 5.59 11.18 4.34
N GLU A 161 4.42 11.72 4.65
CA GLU A 161 4.29 13.10 5.11
C GLU A 161 4.27 13.14 6.63
N PHE A 162 5.18 13.94 7.22
CA PHE A 162 5.22 14.22 8.65
C PHE A 162 4.76 15.67 8.87
N ASP A 163 4.80 16.12 10.12
CA ASP A 163 4.32 17.45 10.46
C ASP A 163 5.05 18.55 9.71
N SER A 164 6.37 18.57 9.75
CA SER A 164 7.09 19.68 9.17
C SER A 164 7.82 19.34 7.88
N PHE A 165 7.71 18.11 7.37
CA PHE A 165 8.40 17.77 6.13
C PHE A 165 7.79 16.51 5.53
N VAL A 166 8.08 16.30 4.25
CA VAL A 166 7.74 15.08 3.52
C VAL A 166 9.03 14.28 3.32
N LEU A 167 8.98 12.98 3.60
CA LEU A 167 10.14 12.12 3.41
C LEU A 167 9.87 11.19 2.22
N VAL A 168 10.84 11.07 1.34
CA VAL A 168 10.82 10.12 0.24
C VAL A 168 12.04 9.22 0.40
N THR A 169 11.83 7.91 0.33
CA THR A 169 12.96 6.99 0.22
C THR A 169 12.88 6.29 -1.12
N ALA A 170 14.02 6.07 -1.76
CA ALA A 170 14.00 5.54 -3.11
C ALA A 170 15.11 4.52 -3.33
N TYR A 171 14.79 3.48 -4.10
CA TYR A 171 15.79 2.60 -4.69
C TYR A 171 15.76 2.92 -6.18
N VAL A 172 16.68 3.75 -6.64
CA VAL A 172 16.68 4.24 -8.01
C VAL A 172 17.13 3.12 -8.97
N PRO A 173 16.48 2.96 -10.13
CA PRO A 173 16.86 1.81 -11.00
C PRO A 173 18.31 1.90 -11.47
N ASN A 174 18.99 0.76 -11.38
CA ASN A 174 20.37 0.69 -11.84
C ASN A 174 20.43 0.66 -13.39
N ALA A 175 21.46 1.32 -13.95
CA ALA A 175 21.64 1.37 -15.40
C ALA A 175 22.02 0.02 -16.03
N GLY A 176 22.50 -0.94 -15.23
CA GLY A 176 22.81 -2.27 -15.71
C GLY A 176 24.23 -2.42 -16.23
N ARG A 177 24.70 -3.66 -16.22
CA ARG A 177 25.95 -4.00 -16.88
C ARG A 177 25.82 -3.73 -18.37
N GLY A 178 26.88 -3.18 -18.96
CA GLY A 178 26.85 -2.76 -20.34
C GLY A 178 25.91 -1.61 -20.61
N LEU A 179 25.36 -0.98 -19.56
CA LEU A 179 24.44 0.15 -19.71
C LEU A 179 23.13 -0.25 -20.43
N VAL A 180 22.76 -1.55 -20.37
CA VAL A 180 21.59 -2.02 -21.09
CA VAL A 180 21.58 -1.99 -21.12
C VAL A 180 20.30 -1.35 -20.62
N ARG A 181 20.27 -0.80 -19.42
CA ARG A 181 19.06 -0.16 -18.93
C ARG A 181 19.23 1.33 -18.70
N LEU A 182 20.22 1.96 -19.35
CA LEU A 182 20.51 3.36 -19.11
C LEU A 182 19.40 4.26 -19.64
N GLU A 183 18.86 3.98 -20.83
CA GLU A 183 17.77 4.82 -21.32
C GLU A 183 16.56 4.75 -20.42
N TYR A 184 16.22 3.56 -19.91
N TYR A 184 16.25 3.55 -19.89
CA TYR A 184 15.13 3.52 -18.95
CA TYR A 184 15.16 3.39 -18.93
C TYR A 184 15.46 4.36 -17.72
C TYR A 184 15.44 4.19 -17.65
N ARG A 185 16.71 4.31 -17.27
CA ARG A 185 17.09 5.09 -16.08
C ARG A 185 16.90 6.58 -16.36
N GLN A 186 17.26 7.03 -17.56
CA GLN A 186 17.10 8.44 -17.90
C GLN A 186 15.64 8.83 -17.94
N ARG A 187 14.78 7.96 -18.46
CA ARG A 187 13.34 8.26 -18.44
C ARG A 187 12.81 8.25 -17.02
N TRP A 188 13.30 7.30 -16.20
CA TRP A 188 12.90 7.25 -14.81
C TRP A 188 13.36 8.50 -14.07
N ASP A 189 14.60 8.96 -14.31
CA ASP A 189 15.10 10.14 -13.62
C ASP A 189 14.17 11.31 -13.85
N GLU A 190 13.78 11.51 -15.13
CA GLU A 190 12.96 12.65 -15.49
C GLU A 190 11.56 12.55 -14.88
N ALA A 191 10.98 11.35 -14.86
CA ALA A 191 9.68 11.18 -14.23
C ALA A 191 9.78 11.44 -12.72
N PHE A 192 10.91 11.04 -12.12
CA PHE A 192 11.09 11.20 -10.68
C PHE A 192 11.22 12.66 -10.29
N ARG A 193 12.06 13.41 -11.02
CA ARG A 193 12.20 14.86 -10.78
C ARG A 193 10.85 15.56 -10.85
N LYS A 194 10.09 15.29 -11.91
CA LYS A 194 8.78 15.91 -12.05
C LYS A 194 7.88 15.56 -10.88
N PHE A 195 7.88 14.29 -10.48
CA PHE A 195 7.12 13.91 -9.29
C PHE A 195 7.59 14.66 -8.04
N LEU A 196 8.91 14.74 -7.82
CA LEU A 196 9.40 15.39 -6.60
C LEU A 196 9.11 16.89 -6.63
N LYS A 197 9.32 17.53 -7.79
CA LYS A 197 9.03 18.95 -7.90
C LYS A 197 7.61 19.23 -7.44
N GLY A 198 6.66 18.43 -7.91
CA GLY A 198 5.27 18.53 -7.49
C GLY A 198 4.95 18.05 -6.08
N LEU A 199 5.94 17.74 -5.26
CA LEU A 199 5.76 17.51 -3.83
C LEU A 199 6.28 18.66 -2.99
N ALA A 200 7.47 19.17 -3.33
CA ALA A 200 8.14 20.25 -2.61
C ALA A 200 7.32 21.55 -2.68
N SER A 201 6.19 21.49 -3.35
CA SER A 201 5.29 22.62 -3.48
C SER A 201 4.55 22.86 -2.19
N ARG A 202 4.59 21.91 -1.25
CA ARG A 202 3.90 22.08 0.03
C ARG A 202 4.83 22.30 1.22
N LYS A 203 5.43 21.23 1.75
CA LYS A 203 6.35 21.29 2.88
C LYS A 203 7.74 20.99 2.35
N PRO A 204 8.81 21.28 3.08
CA PRO A 204 10.12 20.87 2.58
C PRO A 204 10.24 19.36 2.47
N LEU A 205 11.26 18.94 1.73
CA LEU A 205 11.41 17.57 1.31
C LEU A 205 12.75 17.03 1.81
N VAL A 206 12.73 15.81 2.34
CA VAL A 206 13.94 15.02 2.55
C VAL A 206 13.83 13.79 1.65
N LEU A 207 14.80 13.62 0.75
CA LEU A 207 14.87 12.42 -0.07
C LEU A 207 16.07 11.61 0.35
N CYS A 208 15.87 10.31 0.65
CA CYS A 208 17.02 9.50 1.01
C CYS A 208 16.97 8.15 0.33
N GLY A 209 18.13 7.48 0.28
CA GLY A 209 18.22 6.12 -0.20
C GLY A 209 19.33 5.93 -1.22
N ASN A 210 19.22 4.84 -1.97
CA ASN A 210 20.24 4.45 -2.95
C ASN A 210 19.85 5.10 -4.27
N LEU A 211 20.50 6.23 -4.59
CA LEU A 211 20.17 6.95 -5.82
C LEU A 211 20.97 6.43 -7.00
N ASN A 212 21.82 5.42 -6.77
CA ASN A 212 22.46 4.66 -7.84
C ASN A 212 23.26 5.54 -8.80
N VAL A 213 23.86 6.62 -8.31
CA VAL A 213 24.85 7.39 -9.07
C VAL A 213 25.85 7.99 -8.09
N ALA A 214 27.15 7.99 -8.44
CA ALA A 214 28.13 8.83 -7.78
C ALA A 214 28.16 10.16 -8.51
N HIS A 215 27.81 11.24 -7.82
CA HIS A 215 27.55 12.50 -8.51
C HIS A 215 28.80 13.01 -9.21
N GLU A 216 29.91 13.07 -8.48
CA GLU A 216 31.11 13.70 -8.99
C GLU A 216 32.29 12.76 -8.81
N GLU A 217 33.41 13.13 -9.43
CA GLU A 217 34.59 12.26 -9.36
C GLU A 217 35.01 12.00 -7.91
N ILE A 218 34.78 12.97 -7.02
CA ILE A 218 35.11 12.77 -5.61
C ILE A 218 34.25 11.68 -4.97
N ASP A 219 33.11 11.34 -5.57
CA ASP A 219 32.17 10.38 -4.98
C ASP A 219 32.48 8.92 -5.29
N LEU A 220 33.60 8.61 -5.95
CA LEU A 220 34.00 7.21 -6.09
C LEU A 220 35.51 7.13 -6.20
N ARG A 221 36.04 5.94 -5.91
CA ARG A 221 37.48 5.73 -5.88
C ARG A 221 38.09 5.74 -7.28
N ASN A 222 37.38 5.17 -8.27
CA ASN A 222 37.92 5.02 -9.62
C ASN A 222 37.10 5.80 -10.66
N PRO A 223 37.05 7.12 -10.59
CA PRO A 223 36.22 7.85 -11.56
C PRO A 223 36.66 7.66 -13.01
N LYS A 224 37.96 7.58 -13.30
CA LYS A 224 38.35 7.54 -14.71
C LYS A 224 37.99 6.21 -15.36
N GLY A 225 38.17 5.10 -14.66
CA GLY A 225 37.87 3.80 -15.23
C GLY A 225 36.42 3.37 -15.18
N ASN A 226 35.51 4.22 -14.70
CA ASN A 226 34.10 3.88 -14.49
C ASN A 226 33.17 4.83 -15.23
N LYS A 227 33.70 5.69 -16.10
CA LYS A 227 32.84 6.68 -16.76
C LYS A 227 31.90 6.05 -17.79
N LYS A 228 32.09 4.78 -18.14
CA LYS A 228 31.14 4.04 -18.95
C LYS A 228 30.41 2.99 -18.14
N ASN A 229 30.44 3.11 -16.82
CA ASN A 229 29.90 2.11 -15.93
C ASN A 229 28.62 2.64 -15.30
N ALA A 230 27.62 1.77 -15.13
CA ALA A 230 26.44 2.13 -14.37
C ALA A 230 26.84 2.87 -13.09
N GLY A 231 26.12 3.95 -12.77
CA GLY A 231 26.45 4.74 -11.60
C GLY A 231 27.43 5.87 -11.83
N PHE A 232 28.11 5.91 -12.97
CA PHE A 232 29.00 7.05 -13.19
C PHE A 232 29.02 7.48 -14.65
N THR A 233 27.91 7.30 -15.38
CA THR A 233 27.80 7.80 -16.73
C THR A 233 27.51 9.28 -16.67
N PRO A 234 27.90 10.02 -17.72
CA PRO A 234 27.54 11.45 -17.76
C PRO A 234 26.04 11.63 -17.76
N GLN A 235 25.29 10.65 -18.27
CA GLN A 235 23.83 10.75 -18.23
C GLN A 235 23.32 10.70 -16.79
N GLU A 236 23.77 9.74 -16.00
CA GLU A 236 23.29 9.62 -14.63
C GLU A 236 23.75 10.80 -13.78
N ARG A 237 24.99 11.25 -13.96
CA ARG A 237 25.50 12.39 -13.20
C ARG A 237 24.72 13.66 -13.52
N GLN A 238 24.41 13.86 -14.80
CA GLN A 238 23.64 15.02 -15.19
C GLN A 238 22.23 14.95 -14.65
N GLY A 239 21.65 13.75 -14.65
CA GLY A 239 20.34 13.59 -14.05
C GLY A 239 20.35 13.94 -12.57
N PHE A 240 21.43 13.62 -11.87
CA PHE A 240 21.56 14.01 -10.47
C PHE A 240 21.66 15.52 -10.32
N GLY A 241 22.60 16.15 -11.07
CA GLY A 241 22.67 17.60 -11.08
C GLY A 241 21.33 18.25 -11.38
N GLU A 242 20.55 17.66 -12.29
CA GLU A 242 19.26 18.27 -12.62
C GLU A 242 18.26 18.12 -11.50
N LEU A 243 18.29 16.98 -10.79
CA LEU A 243 17.42 16.81 -9.63
C LEU A 243 17.68 17.91 -8.61
N LEU A 244 18.95 18.17 -8.31
CA LEU A 244 19.29 19.23 -7.36
C LEU A 244 18.77 20.59 -7.83
N GLN A 245 18.85 20.84 -9.14
CA GLN A 245 18.48 22.14 -9.71
C GLN A 245 16.96 22.30 -9.73
N ALA A 246 16.26 21.30 -10.21
CA ALA A 246 14.85 21.43 -10.55
C ALA A 246 13.93 21.45 -9.35
N VAL A 247 14.29 20.78 -8.24
CA VAL A 247 13.30 20.56 -7.21
C VAL A 247 13.06 21.81 -6.36
N PRO A 248 14.11 22.46 -5.83
CA PRO A 248 15.56 22.23 -5.72
C PRO A 248 15.94 21.40 -4.49
N LEU A 249 17.12 20.80 -4.50
CA LEU A 249 17.62 20.00 -3.38
C LEU A 249 19.10 20.26 -3.20
N ALA A 250 19.57 20.08 -1.96
CA ALA A 250 20.99 20.10 -1.65
C ALA A 250 21.44 18.73 -1.16
N ASP A 251 22.66 18.37 -1.50
CA ASP A 251 23.29 17.15 -1.03
C ASP A 251 23.78 17.40 0.40
N SER A 252 23.11 16.80 1.40
CA SER A 252 23.41 17.15 2.79
C SER A 252 24.87 16.91 3.10
N PHE A 253 25.37 15.72 2.75
CA PHE A 253 26.75 15.40 3.09
C PHE A 253 27.74 16.33 2.38
N ARG A 254 27.54 16.59 1.12
CA ARG A 254 28.44 17.44 0.38
C ARG A 254 28.33 18.89 0.85
N HIS A 255 27.18 19.30 1.30
CA HIS A 255 27.02 20.64 1.84
C HIS A 255 27.88 20.86 3.07
N LEU A 256 28.04 19.82 3.89
CA LEU A 256 28.83 19.92 5.11
C LEU A 256 30.29 19.61 4.85
N TYR A 257 30.57 18.76 3.87
CA TYR A 257 31.90 18.23 3.66
C TYR A 257 32.21 18.33 2.17
N PRO A 258 32.25 19.55 1.64
CA PRO A 258 32.35 19.73 0.18
C PRO A 258 33.64 19.23 -0.42
N ASN A 259 34.67 18.99 0.38
CA ASN A 259 35.99 18.66 -0.14
C ASN A 259 36.53 17.34 0.38
N THR A 260 35.71 16.55 1.08
CA THR A 260 36.22 15.36 1.72
C THR A 260 36.19 14.19 0.75
N PRO A 261 37.35 13.62 0.41
CA PRO A 261 37.38 12.46 -0.51
C PRO A 261 37.24 11.14 0.22
N TYR A 262 37.19 10.05 -0.55
CA TYR A 262 37.19 8.69 -0.02
C TYR A 262 36.01 8.39 0.90
N ALA A 263 34.96 9.19 0.90
CA ALA A 263 33.74 8.91 1.65
C ALA A 263 32.73 8.17 0.74
N TYR A 264 32.57 6.87 0.98
CA TYR A 264 31.73 6.02 0.13
C TYR A 264 30.66 5.29 0.96
N THR A 265 29.64 4.78 0.27
CA THR A 265 28.59 4.03 0.96
C THR A 265 28.36 2.68 0.32
N PHE A 266 29.11 2.32 -0.71
CA PHE A 266 28.97 1.06 -1.42
C PHE A 266 30.35 0.55 -1.80
N TRP A 267 30.56 -0.75 -1.65
CA TRP A 267 31.75 -1.43 -2.13
C TRP A 267 31.33 -2.76 -2.70
N THR A 268 31.74 -3.07 -3.94
CA THR A 268 31.47 -4.40 -4.45
C THR A 268 31.97 -5.48 -3.49
N TYR A 269 31.20 -6.58 -3.38
CA TYR A 269 31.60 -7.72 -2.58
C TYR A 269 32.92 -8.35 -3.03
N MET A 270 33.30 -8.15 -4.28
CA MET A 270 34.42 -8.89 -4.87
C MET A 270 35.73 -8.11 -4.70
N MET A 271 36.83 -8.82 -4.94
CA MET A 271 38.17 -8.22 -5.02
C MET A 271 38.49 -7.45 -3.74
N ASN A 272 37.92 -7.91 -2.63
CA ASN A 272 38.06 -7.24 -1.34
C ASN A 272 37.98 -5.72 -1.40
N ALA A 273 37.07 -5.17 -2.21
CA ALA A 273 37.02 -3.72 -2.36
C ALA A 273 36.77 -2.99 -1.04
N ARG A 274 35.96 -3.55 -0.13
CA ARG A 274 35.62 -2.78 1.07
C ARG A 274 36.82 -2.59 2.00
N SER A 275 37.63 -3.64 2.20
CA SER A 275 38.80 -3.46 3.06
C SER A 275 39.78 -2.45 2.46
N LYS A 276 39.84 -2.36 1.14
CA LYS A 276 40.65 -1.35 0.47
C LYS A 276 39.94 0.00 0.35
N ASN A 277 38.68 0.09 0.78
CA ASN A 277 37.87 1.30 0.60
C ASN A 277 37.86 1.74 -0.86
N VAL A 278 37.74 0.78 -1.76
CA VAL A 278 37.52 1.06 -3.17
C VAL A 278 36.00 1.07 -3.35
N GLY A 279 35.40 2.25 -3.29
CA GLY A 279 33.96 2.33 -3.09
C GLY A 279 33.36 3.47 -3.88
N TRP A 280 32.04 3.61 -3.72
CA TRP A 280 31.23 4.61 -4.38
C TRP A 280 30.30 5.22 -3.34
N ARG A 281 30.04 6.52 -3.48
CA ARG A 281 28.99 7.13 -2.67
C ARG A 281 27.69 7.11 -3.49
N LEU A 282 26.82 6.13 -3.19
CA LEU A 282 25.54 5.96 -3.88
C LEU A 282 24.34 6.33 -3.04
N ASP A 283 24.51 6.52 -1.72
CA ASP A 283 23.41 6.75 -0.81
C ASP A 283 23.49 8.15 -0.22
N TYR A 284 22.38 8.87 -0.23
CA TYR A 284 22.36 10.28 0.07
C TYR A 284 21.18 10.66 0.94
N PHE A 285 21.32 11.80 1.62
CA PHE A 285 20.20 12.60 2.09
C PHE A 285 20.22 13.91 1.34
N LEU A 286 19.17 14.15 0.54
CA LEU A 286 19.00 15.41 -0.16
C LEU A 286 17.86 16.17 0.47
N LEU A 287 18.08 17.49 0.74
CA LEU A 287 17.14 18.32 1.49
C LEU A 287 16.72 19.56 0.70
N SER A 288 15.47 19.94 0.86
CA SER A 288 15.06 21.29 0.45
C SER A 288 15.96 22.34 1.09
N HIS A 289 16.17 23.44 0.37
CA HIS A 289 17.10 24.45 0.86
C HIS A 289 16.61 25.06 2.17
N SER A 290 15.30 25.10 2.38
CA SER A 290 14.74 25.64 3.62
C SER A 290 15.05 24.77 4.83
N LEU A 291 15.56 23.55 4.63
CA LEU A 291 15.94 22.69 5.73
C LEU A 291 17.42 22.78 6.09
N LEU A 292 18.23 23.47 5.29
CA LEU A 292 19.67 23.52 5.58
C LEU A 292 20.00 24.21 6.92
N PRO A 293 19.23 25.17 7.41
CA PRO A 293 19.50 25.66 8.77
C PRO A 293 19.27 24.60 9.81
N ALA A 294 18.32 23.69 9.57
CA ALA A 294 18.03 22.60 10.50
C ALA A 294 19.03 21.46 10.44
N LEU A 295 19.98 21.48 9.50
CA LEU A 295 20.90 20.36 9.26
C LEU A 295 22.02 20.35 10.28
N CYS A 296 22.09 19.26 11.06
CA CYS A 296 23.16 19.13 12.03
C CYS A 296 24.31 18.36 11.47
N ASP A 297 24.00 17.16 10.91
CA ASP A 297 25.06 16.37 10.35
C ASP A 297 24.46 15.35 9.39
N SER A 298 25.32 14.82 8.53
CA SER A 298 24.99 13.74 7.60
C SER A 298 26.13 12.77 7.72
N LYS A 299 25.85 11.57 8.22
CA LYS A 299 26.88 10.59 8.55
C LYS A 299 26.91 9.43 7.56
N ILE A 300 28.08 8.78 7.51
CA ILE A 300 28.30 7.58 6.74
C ILE A 300 28.83 6.58 7.75
N ARG A 301 28.08 5.51 8.00
CA ARG A 301 28.40 4.55 9.05
C ARG A 301 29.23 3.45 8.44
N SER A 302 30.50 3.79 8.19
CA SER A 302 31.41 2.93 7.42
C SER A 302 31.56 1.54 8.02
N LYS A 303 31.56 1.42 9.34
CA LYS A 303 31.89 0.16 9.99
C LYS A 303 30.72 -0.80 10.12
N ALA A 304 29.48 -0.36 9.90
CA ALA A 304 28.31 -1.26 10.03
C ALA A 304 28.23 -2.23 8.86
N LEU A 305 28.37 -3.53 9.14
CA LEU A 305 28.43 -4.54 8.12
C LEU A 305 27.05 -5.13 7.92
N GLY A 306 26.93 -6.03 6.93
CA GLY A 306 25.69 -6.73 6.69
C GLY A 306 25.12 -6.53 5.30
N SER A 307 25.76 -5.71 4.47
CA SER A 307 25.32 -5.42 3.12
C SER A 307 26.55 -5.01 2.34
N ASP A 308 26.38 -4.81 1.03
CA ASP A 308 27.44 -4.14 0.28
C ASP A 308 27.31 -2.62 0.34
N HIS A 309 26.28 -2.10 0.98
CA HIS A 309 26.15 -0.69 1.31
C HIS A 309 26.26 -0.55 2.83
N CYS A 310 26.73 0.58 3.28
CA CYS A 310 26.66 0.86 4.71
C CYS A 310 25.51 1.82 5.00
N PRO A 311 25.06 1.94 6.26
CA PRO A 311 24.01 2.91 6.57
C PRO A 311 24.50 4.35 6.43
N ILE A 312 23.53 5.25 6.25
CA ILE A 312 23.77 6.69 6.40
C ILE A 312 22.74 7.26 7.37
N THR A 313 23.12 8.35 8.05
CA THR A 313 22.31 8.90 9.14
C THR A 313 22.22 10.41 9.06
N LEU A 314 21.02 10.95 9.17
CA LEU A 314 20.75 12.39 9.13
C LEU A 314 20.30 12.86 10.52
N TYR A 315 20.86 13.97 10.98
CA TYR A 315 20.43 14.63 12.21
C TYR A 315 19.82 15.97 11.85
N LEU A 316 18.55 16.16 12.16
CA LEU A 316 17.86 17.43 11.90
C LEU A 316 17.39 18.05 13.22
N ALA A 317 17.53 19.39 13.34
CA ALA A 317 16.92 20.19 14.44
C ALA A 317 15.62 20.80 13.94
N LEU A 318 14.51 20.17 14.25
CA LEU A 318 13.20 20.67 13.85
C LEU A 318 12.43 21.11 15.10
N ALA B 43 -39.49 -5.91 12.41
CA ALA B 43 -39.31 -4.48 12.19
C ALA B 43 -37.83 -4.15 12.19
N LEU B 44 -37.32 -3.70 13.33
CA LEU B 44 -35.92 -3.31 13.35
C LEU B 44 -35.03 -4.51 13.62
N TYR B 45 -33.72 -4.27 13.50
CA TYR B 45 -32.72 -5.31 13.60
C TYR B 45 -31.55 -4.78 14.40
N GLU B 46 -31.00 -5.62 15.26
CA GLU B 46 -29.78 -5.30 15.99
C GLU B 46 -28.79 -6.45 15.79
N ASP B 47 -27.66 -6.13 15.19
CA ASP B 47 -26.67 -7.13 14.83
C ASP B 47 -26.03 -7.71 16.07
N PRO B 48 -25.90 -9.03 16.18
CA PRO B 48 -25.29 -9.63 17.38
C PRO B 48 -23.89 -9.08 17.60
N PRO B 49 -23.37 -9.15 18.83
CA PRO B 49 -22.01 -8.66 19.07
C PRO B 49 -20.98 -9.47 18.28
N ASP B 50 -19.79 -8.89 18.12
CA ASP B 50 -18.71 -9.48 17.34
C ASP B 50 -18.18 -10.74 18.01
N GLN B 51 -18.24 -11.88 17.31
CA GLN B 51 -17.53 -13.09 17.74
C GLN B 51 -16.17 -13.11 17.06
N LYS B 52 -15.10 -13.06 17.87
CA LYS B 52 -13.74 -12.93 17.35
C LYS B 52 -12.87 -14.15 17.62
N THR B 53 -13.48 -15.32 17.82
CA THR B 53 -12.74 -16.57 17.85
C THR B 53 -13.56 -17.59 17.07
N SER B 54 -12.86 -18.47 16.35
CA SER B 54 -13.50 -19.44 15.47
C SER B 54 -14.16 -20.54 16.29
N PRO B 55 -14.93 -21.44 15.66
CA PRO B 55 -15.53 -22.55 16.45
C PRO B 55 -14.49 -23.40 17.15
N SER B 56 -13.34 -23.64 16.52
CA SER B 56 -12.27 -24.38 17.16
C SER B 56 -11.41 -23.51 18.07
N GLY B 57 -11.88 -22.31 18.43
CA GLY B 57 -11.18 -21.48 19.39
C GLY B 57 -9.95 -20.77 18.87
N LYS B 58 -9.85 -20.58 17.57
CA LYS B 58 -8.68 -19.80 17.15
C LYS B 58 -9.04 -18.32 17.08
N PRO B 59 -8.20 -17.42 17.58
CA PRO B 59 -8.54 -15.99 17.51
C PRO B 59 -8.46 -15.45 16.08
N ALA B 60 -9.40 -14.57 15.75
CA ALA B 60 -9.42 -13.91 14.45
C ALA B 60 -8.09 -13.19 14.18
N THR B 61 -7.52 -13.44 13.00
CA THR B 61 -6.35 -12.69 12.55
C THR B 61 -6.65 -11.63 11.50
N LEU B 62 -7.79 -11.73 10.81
CA LEU B 62 -8.03 -10.90 9.63
C LEU B 62 -9.42 -10.31 9.73
N LYS B 63 -9.52 -9.00 9.50
CA LYS B 63 -10.77 -8.25 9.57
C LYS B 63 -10.93 -7.53 8.24
N ILE B 64 -11.95 -7.90 7.48
CA ILE B 64 -12.23 -7.29 6.17
C ILE B 64 -13.53 -6.52 6.28
N CYS B 65 -13.53 -5.30 5.74
CA CYS B 65 -14.73 -4.47 5.71
C CYS B 65 -15.07 -4.14 4.27
N SER B 66 -16.36 -4.19 3.94
CA SER B 66 -16.83 -3.91 2.60
C SER B 66 -17.94 -2.87 2.71
N TRP B 67 -17.90 -1.85 1.84
CA TRP B 67 -18.86 -0.75 1.98
C TRP B 67 -19.16 -0.21 0.60
N ASN B 68 -20.42 -0.28 0.20
CA ASN B 68 -20.86 0.35 -1.05
C ASN B 68 -21.15 1.79 -0.69
N VAL B 69 -20.21 2.69 -1.03
CA VAL B 69 -20.24 4.04 -0.49
C VAL B 69 -21.14 4.97 -1.30
N ASP B 70 -21.50 4.61 -2.53
CA ASP B 70 -22.41 5.37 -3.38
C ASP B 70 -22.03 6.86 -3.43
N GLY B 71 -20.89 7.12 -4.06
CA GLY B 71 -20.34 8.47 -4.12
C GLY B 71 -19.23 8.57 -3.10
N LEU B 72 -18.02 8.19 -3.50
CA LEU B 72 -16.89 8.18 -2.58
C LEU B 72 -16.63 9.57 -1.97
N ARG B 73 -16.72 10.64 -2.77
CA ARG B 73 -16.41 11.97 -2.25
C ARG B 73 -17.46 12.41 -1.22
N ALA B 74 -18.75 12.17 -1.50
CA ALA B 74 -19.80 12.51 -0.53
C ALA B 74 -19.65 11.71 0.75
N TRP B 75 -19.41 10.41 0.61
CA TRP B 75 -19.19 9.53 1.77
C TRP B 75 -18.06 10.07 2.65
N ILE B 76 -16.95 10.52 2.05
CA ILE B 76 -15.86 11.10 2.82
C ILE B 76 -16.34 12.37 3.53
N LYS B 77 -17.07 13.24 2.81
CA LYS B 77 -17.62 14.43 3.45
C LYS B 77 -18.57 14.07 4.59
N LYS B 78 -19.26 12.94 4.45
CA LYS B 78 -20.20 12.46 5.46
C LYS B 78 -19.52 11.71 6.61
N LYS B 79 -18.19 11.78 6.66
CA LYS B 79 -17.39 11.13 7.72
C LYS B 79 -17.12 9.63 7.60
N GLY B 80 -17.16 9.08 6.39
CA GLY B 80 -16.89 7.69 6.18
C GLY B 80 -15.53 7.27 6.68
N LEU B 81 -14.51 8.03 6.34
CA LEU B 81 -13.16 7.68 6.78
C LEU B 81 -13.03 7.71 8.30
N ASP B 82 -13.78 8.57 8.98
CA ASP B 82 -13.79 8.53 10.45
C ASP B 82 -14.34 7.22 10.95
N TRP B 83 -15.37 6.69 10.29
CA TRP B 83 -15.87 5.39 10.71
C TRP B 83 -14.83 4.29 10.41
N VAL B 84 -14.22 4.30 9.23
CA VAL B 84 -13.21 3.28 8.88
C VAL B 84 -12.06 3.27 9.89
N LYS B 85 -11.55 4.44 10.26
CA LYS B 85 -10.47 4.52 11.24
C LYS B 85 -10.85 3.83 12.55
N GLU B 86 -12.09 4.04 13.01
CA GLU B 86 -12.53 3.38 14.23
C GLU B 86 -12.70 1.89 14.03
N GLU B 87 -13.25 1.48 12.88
CA GLU B 87 -13.43 0.06 12.63
C GLU B 87 -12.11 -0.67 12.51
N ALA B 88 -11.08 0.02 12.00
CA ALA B 88 -9.73 -0.52 11.91
C ALA B 88 -9.65 -1.89 11.21
N PRO B 89 -10.23 -2.05 10.03
CA PRO B 89 -10.05 -3.31 9.30
C PRO B 89 -8.62 -3.43 8.76
N ASP B 90 -8.23 -4.67 8.45
CA ASP B 90 -7.00 -4.94 7.72
C ASP B 90 -7.15 -4.70 6.23
N ILE B 91 -8.37 -4.85 5.72
CA ILE B 91 -8.64 -4.67 4.30
C ILE B 91 -10.00 -3.99 4.20
N LEU B 92 -10.10 -2.98 3.34
CA LEU B 92 -11.34 -2.25 3.11
C LEU B 92 -11.66 -2.30 1.63
N CYS B 93 -12.83 -2.83 1.30
CA CYS B 93 -13.33 -2.86 -0.07
C CYS B 93 -14.46 -1.85 -0.21
N LEU B 94 -14.45 -1.13 -1.32
CA LEU B 94 -15.41 -0.06 -1.56
C LEU B 94 -16.01 -0.22 -2.93
N GLN B 95 -17.32 0.03 -3.06
CA GLN B 95 -18.02 -0.11 -4.32
C GLN B 95 -18.86 1.13 -4.60
N GLN B 96 -19.12 1.35 -5.89
CA GLN B 96 -19.86 2.52 -6.38
C GLN B 96 -19.18 3.82 -5.92
N THR B 97 -17.90 3.90 -6.21
CA THR B 97 -17.11 5.05 -5.76
C THR B 97 -17.52 6.30 -6.51
N LYS B 98 -17.85 6.15 -7.79
CA LYS B 98 -18.26 7.24 -8.67
C LYS B 98 -17.22 8.36 -8.65
N CYS B 99 -15.97 7.97 -8.85
CA CYS B 99 -14.86 8.91 -8.77
C CYS B 99 -13.76 8.43 -9.70
N SER B 100 -13.38 9.24 -10.68
CA SER B 100 -12.24 8.86 -11.51
C SER B 100 -10.97 8.89 -10.67
N GLU B 101 -9.93 8.24 -11.17
CA GLU B 101 -8.71 8.13 -10.37
C GLU B 101 -8.08 9.47 -10.07
N ASN B 102 -8.16 10.45 -10.98
CA ASN B 102 -7.56 11.76 -10.71
C ASN B 102 -8.25 12.51 -9.59
N LYS B 103 -9.51 12.20 -9.30
CA LYS B 103 -10.26 12.97 -8.33
C LYS B 103 -10.26 12.33 -6.97
N LEU B 104 -9.48 11.28 -6.77
CA LEU B 104 -9.44 10.57 -5.50
C LEU B 104 -8.87 11.45 -4.39
N PRO B 105 -9.65 11.82 -3.37
CA PRO B 105 -9.14 12.75 -2.35
C PRO B 105 -7.91 12.18 -1.66
N ALA B 106 -6.91 13.06 -1.45
CA ALA B 106 -5.66 12.68 -0.79
C ALA B 106 -5.91 12.26 0.65
N GLU B 107 -7.01 12.70 1.26
CA GLU B 107 -7.39 12.25 2.58
C GLU B 107 -7.42 10.73 2.69
N LEU B 108 -7.60 10.02 1.57
CA LEU B 108 -7.54 8.56 1.59
C LEU B 108 -6.20 8.05 2.11
N GLN B 109 -5.10 8.74 1.78
CA GLN B 109 -3.77 8.36 2.27
C GLN B 109 -3.60 8.50 3.79
N GLU B 110 -4.57 9.09 4.50
CA GLU B 110 -4.50 9.24 5.95
C GLU B 110 -5.06 8.04 6.70
N LEU B 111 -5.38 6.96 6.02
CA LEU B 111 -5.94 5.79 6.69
C LEU B 111 -4.81 4.99 7.33
N PRO B 112 -4.77 4.88 8.66
CA PRO B 112 -3.55 4.39 9.34
C PRO B 112 -3.10 2.99 8.92
N GLY B 113 -4.01 2.03 8.79
CA GLY B 113 -3.56 0.68 8.49
C GLY B 113 -4.00 0.21 7.13
N LEU B 114 -4.11 1.12 6.17
CA LEU B 114 -4.68 0.79 4.87
C LEU B 114 -3.93 1.58 3.76
N SER B 115 -2.60 1.54 3.80
CA SER B 115 -1.84 2.42 2.92
C SER B 115 -1.77 1.92 1.48
N HIS B 116 -2.00 0.62 1.22
CA HIS B 116 -1.92 0.07 -0.13
C HIS B 116 -3.31 0.11 -0.77
N GLN B 117 -3.49 0.92 -1.81
CA GLN B 117 -4.82 1.26 -2.30
C GLN B 117 -4.88 1.03 -3.81
N TYR B 118 -5.89 0.30 -4.25
CA TYR B 118 -6.07 -0.05 -5.65
C TYR B 118 -7.47 0.36 -6.07
N TRP B 119 -7.61 0.81 -7.31
CA TRP B 119 -8.83 1.45 -7.78
C TRP B 119 -9.10 1.03 -9.21
N SER B 120 -10.37 0.88 -9.53
CA SER B 120 -10.79 0.52 -10.88
C SER B 120 -11.97 1.40 -11.26
N ALA B 121 -11.87 2.10 -12.37
CA ALA B 121 -12.90 2.98 -12.89
C ALA B 121 -13.31 2.54 -14.30
N PRO B 122 -14.50 2.91 -14.74
CA PRO B 122 -14.91 2.54 -16.10
C PRO B 122 -14.20 3.41 -17.13
N SER B 123 -14.27 2.99 -18.39
CA SER B 123 -13.68 3.82 -19.44
C SER B 123 -14.62 4.96 -19.82
N ASP B 124 -15.93 4.71 -19.84
CA ASP B 124 -16.90 5.76 -20.17
C ASP B 124 -17.87 5.97 -19.02
N GLY B 127 -20.00 5.75 -15.89
CA GLY B 127 -19.61 6.79 -14.93
C GLY B 127 -20.20 6.51 -13.55
N TYR B 128 -21.12 5.54 -13.51
CA TYR B 128 -21.93 5.24 -12.32
C TYR B 128 -21.33 4.13 -11.47
N SER B 129 -20.04 3.86 -11.63
CA SER B 129 -19.47 2.62 -11.14
C SER B 129 -18.24 2.89 -10.26
N GLY B 130 -17.29 1.97 -10.25
CA GLY B 130 -16.01 2.21 -9.63
C GLY B 130 -15.90 1.47 -8.33
N VAL B 131 -14.72 0.92 -8.03
CA VAL B 131 -14.50 0.07 -6.88
C VAL B 131 -13.09 0.32 -6.36
N GLY B 132 -12.89 0.01 -5.08
CA GLY B 132 -11.61 0.27 -4.44
C GLY B 132 -11.26 -0.86 -3.50
N LEU B 133 -9.96 -1.05 -3.31
CA LEU B 133 -9.49 -2.03 -2.33
C LEU B 133 -8.24 -1.48 -1.66
N LEU B 134 -8.33 -1.31 -0.34
CA LEU B 134 -7.28 -0.71 0.47
C LEU B 134 -6.84 -1.75 1.48
N SER B 135 -5.54 -1.91 1.66
CA SER B 135 -5.04 -3.04 2.41
C SER B 135 -3.86 -2.60 3.25
N ARG B 136 -3.73 -3.29 4.40
CA ARG B 136 -2.65 -3.05 5.33
C ARG B 136 -1.31 -3.51 4.76
N GLN B 137 -1.25 -4.73 4.26
CA GLN B 137 -0.13 -5.21 3.48
C GLN B 137 -0.50 -5.24 2.01
N ALA B 138 0.50 -5.15 1.14
CA ALA B 138 0.23 -5.27 -0.28
C ALA B 138 -0.15 -6.71 -0.63
N PRO B 139 -1.12 -6.91 -1.49
CA PRO B 139 -1.36 -8.25 -2.05
C PRO B 139 -0.20 -8.68 -2.92
N LEU B 140 -0.09 -9.99 -3.08
CA LEU B 140 0.92 -10.55 -3.97
C LEU B 140 0.70 -10.13 -5.41
N LYS B 141 -0.56 -10.11 -5.86
CA LYS B 141 -0.91 -9.63 -7.18
C LYS B 141 -2.31 -9.04 -7.14
N VAL B 142 -2.55 -8.08 -8.02
CA VAL B 142 -3.80 -7.34 -8.12
C VAL B 142 -4.18 -7.27 -9.59
N SER B 143 -5.39 -7.71 -9.93
CA SER B 143 -5.88 -7.59 -11.29
C SER B 143 -7.27 -6.94 -11.29
N TYR B 144 -7.66 -6.42 -12.45
CA TYR B 144 -8.87 -5.63 -12.62
C TYR B 144 -9.78 -6.27 -13.66
N GLY B 145 -11.08 -6.28 -13.38
CA GLY B 145 -12.03 -6.78 -14.34
C GLY B 145 -12.16 -8.29 -14.29
N ILE B 146 -12.99 -8.80 -15.18
CA ILE B 146 -13.27 -10.22 -15.21
C ILE B 146 -12.71 -10.88 -16.47
N GLY B 147 -11.67 -10.26 -17.10
CA GLY B 147 -11.06 -10.66 -18.37
C GLY B 147 -12.12 -10.42 -19.39
N ASP B 148 -11.85 -10.27 -20.68
CA ASP B 148 -12.92 -10.03 -21.72
C ASP B 148 -13.52 -8.64 -21.63
N GLU B 154 -16.01 -1.86 -17.11
CA GLU B 154 -17.02 -1.06 -16.42
C GLU B 154 -16.56 -0.68 -15.00
N GLY B 155 -15.33 -1.06 -14.64
CA GLY B 155 -14.80 -0.71 -13.33
C GLY B 155 -15.54 -1.32 -12.15
N ARG B 156 -15.84 -2.63 -12.22
CA ARG B 156 -16.71 -3.26 -11.25
C ARG B 156 -16.00 -4.29 -10.38
N VAL B 157 -14.77 -4.70 -10.74
CA VAL B 157 -14.17 -5.86 -10.10
C VAL B 157 -12.68 -5.60 -9.89
N ILE B 158 -12.21 -5.90 -8.68
CA ILE B 158 -10.80 -5.99 -8.38
C ILE B 158 -10.55 -7.37 -7.80
N VAL B 159 -9.40 -7.96 -8.14
CA VAL B 159 -9.00 -9.28 -7.68
C VAL B 159 -7.66 -9.10 -6.99
N ALA B 160 -7.56 -9.54 -5.74
CA ALA B 160 -6.34 -9.35 -4.97
C ALA B 160 -5.93 -10.67 -4.36
N GLU B 161 -4.73 -11.13 -4.69
CA GLU B 161 -4.22 -12.39 -4.18
C GLU B 161 -3.38 -12.11 -2.95
N PHE B 162 -3.74 -12.72 -1.83
CA PHE B 162 -2.96 -12.58 -0.61
C PHE B 162 -2.25 -13.89 -0.34
N ASP B 163 -1.55 -13.94 0.79
CA ASP B 163 -0.72 -15.10 1.09
C ASP B 163 -1.54 -16.39 1.07
N SER B 164 -2.69 -16.41 1.74
CA SER B 164 -3.41 -17.66 1.91
C SER B 164 -4.81 -17.68 1.30
N PHE B 165 -5.19 -16.66 0.52
CA PHE B 165 -6.53 -16.63 -0.06
C PHE B 165 -6.55 -15.54 -1.11
N VAL B 166 -7.59 -15.59 -1.96
CA VAL B 166 -7.82 -14.59 -3.00
C VAL B 166 -9.08 -13.80 -2.64
N LEU B 167 -8.97 -12.48 -2.66
CA LEU B 167 -10.09 -11.59 -2.38
C LEU B 167 -10.56 -10.98 -3.68
N VAL B 168 -11.87 -11.06 -3.93
CA VAL B 168 -12.50 -10.39 -5.05
C VAL B 168 -13.54 -9.44 -4.46
N THR B 169 -13.50 -8.18 -4.86
CA THR B 169 -14.61 -7.30 -4.55
C THR B 169 -15.28 -6.89 -5.85
N ALA B 170 -16.59 -6.74 -5.77
CA ALA B 170 -17.43 -6.56 -6.95
C ALA B 170 -18.52 -5.55 -6.64
N TYR B 171 -18.84 -4.75 -7.66
CA TYR B 171 -20.03 -3.92 -7.71
C TYR B 171 -20.84 -4.48 -8.87
N VAL B 172 -21.70 -5.45 -8.55
CA VAL B 172 -22.44 -6.15 -9.59
C VAL B 172 -23.43 -5.19 -10.25
N PRO B 173 -23.63 -5.22 -11.56
CA PRO B 173 -24.48 -4.19 -12.18
C PRO B 173 -25.95 -4.35 -11.83
N ASN B 174 -26.58 -3.21 -11.60
CA ASN B 174 -27.99 -3.18 -11.25
C ASN B 174 -28.84 -3.49 -12.47
N ALA B 175 -29.89 -4.28 -12.27
CA ALA B 175 -30.80 -4.63 -13.36
C ALA B 175 -31.59 -3.42 -13.86
N GLY B 176 -31.74 -2.40 -13.03
CA GLY B 176 -32.30 -1.11 -13.43
C GLY B 176 -33.80 -0.99 -13.13
N ARG B 177 -34.25 0.26 -12.95
CA ARG B 177 -35.66 0.59 -13.00
C ARG B 177 -36.27 0.02 -14.26
N GLY B 178 -37.39 -0.69 -14.10
CA GLY B 178 -38.01 -1.31 -15.25
C GLY B 178 -37.16 -2.35 -15.93
N LEU B 179 -36.19 -2.93 -15.21
CA LEU B 179 -35.37 -4.04 -15.71
C LEU B 179 -34.68 -3.71 -17.03
N VAL B 180 -34.38 -2.43 -17.25
CA VAL B 180 -33.88 -2.02 -18.55
C VAL B 180 -32.52 -2.67 -18.85
N ARG B 181 -31.75 -2.98 -17.81
CA ARG B 181 -30.44 -3.62 -17.99
C ARG B 181 -30.40 -5.06 -17.48
N LEU B 182 -31.56 -5.72 -17.36
CA LEU B 182 -31.61 -7.09 -16.86
C LEU B 182 -30.87 -8.06 -17.79
N GLU B 183 -31.02 -7.87 -19.11
CA GLU B 183 -30.27 -8.72 -20.02
C GLU B 183 -28.77 -8.57 -19.82
N TYR B 184 -28.27 -7.34 -19.67
CA TYR B 184 -26.86 -7.15 -19.39
C TYR B 184 -26.46 -7.77 -18.05
N ARG B 185 -27.32 -7.70 -17.05
CA ARG B 185 -26.99 -8.32 -15.77
C ARG B 185 -26.88 -9.84 -15.90
N GLN B 186 -27.75 -10.46 -16.70
CA GLN B 186 -27.67 -11.91 -16.89
C GLN B 186 -26.41 -12.30 -17.65
N ARG B 187 -26.06 -11.55 -18.70
CA ARG B 187 -24.79 -11.75 -19.39
C ARG B 187 -23.62 -11.57 -18.43
N TRP B 188 -23.67 -10.53 -17.60
CA TRP B 188 -22.57 -10.28 -16.68
C TRP B 188 -22.50 -11.37 -15.60
N ASP B 189 -23.66 -11.77 -15.05
CA ASP B 189 -23.68 -12.86 -14.08
C ASP B 189 -22.98 -14.11 -14.62
N GLU B 190 -23.29 -14.46 -15.87
CA GLU B 190 -22.73 -15.68 -16.44
C GLU B 190 -21.22 -15.55 -16.58
N ALA B 191 -20.76 -14.44 -17.16
CA ALA B 191 -19.32 -14.26 -17.33
C ALA B 191 -18.61 -14.27 -15.99
N PHE B 192 -19.25 -13.71 -14.96
CA PHE B 192 -18.63 -13.59 -13.66
C PHE B 192 -18.44 -14.95 -13.01
N ARG B 193 -19.47 -15.79 -13.03
CA ARG B 193 -19.34 -17.17 -12.54
C ARG B 193 -18.18 -17.89 -13.24
N LYS B 194 -18.19 -17.88 -14.56
CA LYS B 194 -17.12 -18.50 -15.33
C LYS B 194 -15.76 -17.99 -14.88
N PHE B 195 -15.65 -16.67 -14.68
CA PHE B 195 -14.38 -16.10 -14.26
C PHE B 195 -13.98 -16.60 -12.87
N LEU B 196 -14.92 -16.65 -11.92
CA LEU B 196 -14.54 -17.04 -10.56
C LEU B 196 -14.12 -18.50 -10.45
N LYS B 197 -14.44 -19.34 -11.43
CA LYS B 197 -13.96 -20.72 -11.41
C LYS B 197 -12.50 -20.77 -11.81
N GLY B 198 -12.11 -20.01 -12.83
CA GLY B 198 -10.71 -19.81 -13.13
C GLY B 198 -9.89 -19.17 -12.03
N LEU B 199 -10.46 -18.97 -10.83
CA LEU B 199 -9.68 -18.50 -9.68
C LEU B 199 -9.74 -19.49 -8.52
N ALA B 200 -10.93 -19.78 -8.01
CA ALA B 200 -11.13 -20.70 -6.89
C ALA B 200 -10.35 -21.99 -7.08
N SER B 201 -9.96 -22.26 -8.33
CA SER B 201 -9.12 -23.41 -8.66
C SER B 201 -7.75 -23.36 -8.00
N ARG B 202 -7.33 -22.23 -7.44
CA ARG B 202 -5.97 -22.14 -6.90
C ARG B 202 -5.99 -22.02 -5.37
N LYS B 203 -6.24 -20.83 -4.85
CA LYS B 203 -6.36 -20.58 -3.43
C LYS B 203 -7.81 -20.49 -3.02
N PRO B 204 -8.13 -20.51 -1.72
CA PRO B 204 -9.52 -20.25 -1.32
C PRO B 204 -9.90 -18.83 -1.67
N LEU B 205 -11.21 -18.60 -1.77
CA LEU B 205 -11.76 -17.36 -2.29
C LEU B 205 -12.64 -16.66 -1.24
N VAL B 206 -12.46 -15.33 -1.14
CA VAL B 206 -13.41 -14.46 -0.47
C VAL B 206 -13.91 -13.46 -1.49
N LEU B 207 -15.21 -13.47 -1.76
CA LEU B 207 -15.86 -12.49 -2.61
C LEU B 207 -16.72 -11.59 -1.75
N CYS B 208 -16.54 -10.28 -1.87
CA CYS B 208 -17.39 -9.34 -1.16
C CYS B 208 -17.86 -8.22 -2.08
N GLY B 209 -18.89 -7.53 -1.64
CA GLY B 209 -19.31 -6.34 -2.33
C GLY B 209 -20.81 -6.25 -2.43
N ASN B 210 -21.23 -5.30 -3.24
CA ASN B 210 -22.62 -5.09 -3.57
C ASN B 210 -22.94 -6.02 -4.75
N LEU B 211 -23.58 -7.15 -4.44
CA LEU B 211 -23.95 -8.10 -5.49
C LEU B 211 -25.29 -7.78 -6.11
N ASN B 212 -26.01 -6.77 -5.59
CA ASN B 212 -27.25 -6.27 -6.20
C ASN B 212 -28.30 -7.37 -6.40
N VAL B 213 -28.40 -8.27 -5.44
CA VAL B 213 -29.47 -9.26 -5.44
C VAL B 213 -29.79 -9.62 -4.00
N ALA B 214 -31.07 -9.67 -3.68
CA ALA B 214 -31.51 -10.32 -2.45
C ALA B 214 -31.79 -11.78 -2.80
N HIS B 215 -31.10 -12.71 -2.14
CA HIS B 215 -31.10 -14.10 -2.59
C HIS B 215 -32.48 -14.74 -2.39
N GLU B 216 -32.95 -14.78 -1.14
CA GLU B 216 -34.22 -15.37 -0.77
C GLU B 216 -35.11 -14.31 -0.15
N GLU B 217 -36.38 -14.69 0.09
CA GLU B 217 -37.39 -13.77 0.62
C GLU B 217 -36.98 -13.15 1.95
N ILE B 218 -36.29 -13.91 2.80
CA ILE B 218 -35.82 -13.35 4.07
C ILE B 218 -34.83 -12.20 3.87
N ASP B 219 -34.21 -12.09 2.69
CA ASP B 219 -33.14 -11.13 2.45
C ASP B 219 -33.64 -9.74 2.06
N LEU B 220 -34.94 -9.52 2.07
CA LEU B 220 -35.48 -8.20 1.81
C LEU B 220 -36.80 -8.13 2.55
N ARG B 221 -37.32 -6.92 2.65
CA ARG B 221 -38.44 -6.73 3.54
C ARG B 221 -39.79 -6.87 2.84
N ASN B 222 -39.87 -6.52 1.55
CA ASN B 222 -41.08 -6.67 0.75
C ASN B 222 -40.88 -7.68 -0.38
N PRO B 223 -40.70 -8.96 -0.07
CA PRO B 223 -40.51 -9.94 -1.17
C PRO B 223 -41.63 -9.94 -2.21
N LYS B 224 -42.91 -9.96 -1.78
CA LYS B 224 -44.03 -10.12 -2.70
C LYS B 224 -44.07 -9.01 -3.75
N GLY B 225 -43.90 -7.77 -3.32
CA GLY B 225 -43.98 -6.66 -4.25
C GLY B 225 -42.75 -6.43 -5.11
N ASN B 226 -41.64 -7.10 -4.83
CA ASN B 226 -40.42 -6.83 -5.59
C ASN B 226 -40.01 -7.97 -6.53
N LYS B 227 -40.86 -8.99 -6.69
CA LYS B 227 -40.46 -10.15 -7.48
C LYS B 227 -40.32 -9.86 -8.97
N LYS B 228 -40.69 -8.66 -9.42
CA LYS B 228 -40.40 -8.23 -10.79
C LYS B 228 -39.51 -7.00 -10.81
N ASN B 229 -38.76 -6.75 -9.73
CA ASN B 229 -37.92 -5.57 -9.58
C ASN B 229 -36.44 -5.93 -9.52
N ALA B 230 -35.61 -5.02 -10.03
CA ALA B 230 -34.16 -5.18 -9.97
C ALA B 230 -33.72 -5.59 -8.57
N GLY B 231 -32.92 -6.63 -8.51
CA GLY B 231 -32.47 -7.18 -7.25
C GLY B 231 -33.30 -8.34 -6.72
N PHE B 232 -34.53 -8.55 -7.20
CA PHE B 232 -35.27 -9.71 -6.70
C PHE B 232 -36.00 -10.44 -7.82
N THR B 233 -35.50 -10.36 -9.06
CA THR B 233 -36.09 -11.11 -10.15
C THR B 233 -35.74 -12.58 -10.02
N PRO B 234 -36.53 -13.47 -10.66
CA PRO B 234 -36.16 -14.88 -10.70
C PRO B 234 -34.77 -15.10 -11.27
N GLN B 235 -34.45 -14.41 -12.36
CA GLN B 235 -33.15 -14.55 -13.01
C GLN B 235 -32.02 -14.19 -12.06
N GLU B 236 -32.11 -13.02 -11.42
CA GLU B 236 -31.05 -12.58 -10.54
C GLU B 236 -30.87 -13.53 -9.36
N ARG B 237 -32.00 -13.98 -8.77
CA ARG B 237 -31.92 -14.95 -7.68
C ARG B 237 -31.36 -16.28 -8.17
N GLN B 238 -31.76 -16.72 -9.37
CA GLN B 238 -31.15 -17.91 -9.97
C GLN B 238 -29.66 -17.73 -10.14
N GLY B 239 -29.25 -16.59 -10.73
CA GLY B 239 -27.83 -16.32 -10.93
C GLY B 239 -27.03 -16.44 -9.65
N PHE B 240 -27.55 -15.91 -8.55
CA PHE B 240 -26.86 -15.99 -7.27
C PHE B 240 -26.84 -17.42 -6.76
N GLY B 241 -27.96 -18.14 -6.92
CA GLY B 241 -27.95 -19.57 -6.61
C GLY B 241 -26.90 -20.33 -7.38
N GLU B 242 -26.79 -20.07 -8.70
CA GLU B 242 -25.77 -20.78 -9.47
C GLU B 242 -24.37 -20.32 -9.09
N LEU B 243 -24.21 -19.06 -8.68
CA LEU B 243 -22.90 -18.60 -8.23
C LEU B 243 -22.47 -19.38 -6.99
N LEU B 244 -23.38 -19.53 -6.04
CA LEU B 244 -23.09 -20.34 -4.87
C LEU B 244 -22.79 -21.79 -5.27
N GLN B 245 -23.56 -22.32 -6.23
CA GLN B 245 -23.41 -23.73 -6.60
C GLN B 245 -22.14 -23.97 -7.41
N ALA B 246 -21.88 -23.11 -8.40
CA ALA B 246 -20.84 -23.41 -9.38
C ALA B 246 -19.42 -23.24 -8.84
N VAL B 247 -19.18 -22.29 -7.96
CA VAL B 247 -17.79 -21.90 -7.70
C VAL B 247 -17.02 -22.89 -6.82
N PRO B 248 -17.63 -23.45 -5.77
CA PRO B 248 -18.84 -23.16 -4.98
C PRO B 248 -18.50 -22.12 -3.90
N LEU B 249 -19.51 -21.41 -3.40
CA LEU B 249 -19.29 -20.46 -2.33
C LEU B 249 -20.37 -20.60 -1.27
N ALA B 250 -20.03 -20.23 -0.04
CA ALA B 250 -20.98 -20.17 1.05
C ALA B 250 -21.27 -18.72 1.41
N ASP B 251 -22.53 -18.40 1.67
CA ASP B 251 -22.92 -17.08 2.18
C ASP B 251 -22.60 -16.98 3.67
N SER B 252 -21.56 -16.20 4.01
CA SER B 252 -21.02 -16.21 5.38
C SER B 252 -22.08 -15.86 6.41
N PHE B 253 -22.86 -14.83 6.14
CA PHE B 253 -23.88 -14.37 7.10
C PHE B 253 -24.96 -15.44 7.30
N ARG B 254 -25.51 -15.95 6.19
CA ARG B 254 -26.54 -16.99 6.29
C ARG B 254 -26.00 -18.26 6.94
N HIS B 255 -24.75 -18.62 6.64
CA HIS B 255 -24.15 -19.79 7.26
C HIS B 255 -24.17 -19.67 8.78
N LEU B 256 -24.03 -18.46 9.31
CA LEU B 256 -24.06 -18.26 10.75
C LEU B 256 -25.45 -17.93 11.27
N TYR B 257 -26.25 -17.23 10.49
CA TYR B 257 -27.54 -16.70 10.94
C TYR B 257 -28.63 -17.12 9.96
N PRO B 258 -28.80 -18.45 9.76
CA PRO B 258 -29.69 -18.90 8.68
C PRO B 258 -31.13 -18.52 8.92
N ASN B 259 -31.52 -18.32 10.17
CA ASN B 259 -32.91 -18.06 10.52
C ASN B 259 -33.21 -16.57 10.75
N THR B 260 -32.18 -15.71 10.80
CA THR B 260 -32.38 -14.34 11.29
C THR B 260 -33.03 -13.46 10.24
N PRO B 261 -34.19 -12.85 10.53
CA PRO B 261 -34.83 -11.98 9.53
C PRO B 261 -34.52 -10.51 9.75
N TYR B 262 -34.98 -9.64 8.84
CA TYR B 262 -34.91 -8.18 8.99
C TYR B 262 -33.49 -7.64 8.94
N ALA B 263 -32.54 -8.41 8.43
CA ALA B 263 -31.13 -8.05 8.45
C ALA B 263 -30.74 -7.61 7.04
N TYR B 264 -30.64 -6.29 6.83
CA TYR B 264 -30.47 -5.71 5.51
C TYR B 264 -29.18 -4.86 5.45
N THR B 265 -28.73 -4.56 4.24
CA THR B 265 -27.57 -3.69 4.07
C THR B 265 -27.85 -2.48 3.20
N PHE B 266 -29.04 -2.37 2.63
CA PHE B 266 -29.39 -1.29 1.76
C PHE B 266 -30.81 -0.85 2.08
N TRP B 267 -31.05 0.46 2.07
CA TRP B 267 -32.39 1.04 2.16
C TRP B 267 -32.45 2.19 1.18
N THR B 268 -33.59 2.34 0.49
CA THR B 268 -33.72 3.48 -0.38
C THR B 268 -33.66 4.76 0.45
N TYR B 269 -32.97 5.77 -0.10
CA TYR B 269 -32.94 7.09 0.54
C TYR B 269 -34.35 7.62 0.78
N MET B 270 -35.33 7.19 -0.02
CA MET B 270 -36.66 7.78 0.04
C MET B 270 -37.58 7.06 1.02
N MET B 271 -38.69 7.74 1.35
CA MET B 271 -39.78 7.25 2.19
C MET B 271 -39.29 6.87 3.58
N ASN B 272 -38.29 7.58 4.08
CA ASN B 272 -37.56 7.23 5.30
C ASN B 272 -37.41 5.73 5.50
N ALA B 273 -37.10 5.01 4.42
CA ALA B 273 -37.00 3.57 4.48
C ALA B 273 -36.02 3.09 5.53
N ARG B 274 -34.95 3.84 5.76
CA ARG B 274 -33.90 3.34 6.65
C ARG B 274 -34.37 3.29 8.10
N SER B 275 -35.12 4.29 8.57
CA SER B 275 -35.60 4.18 9.94
C SER B 275 -36.73 3.18 10.07
N LYS B 276 -37.43 2.89 8.97
CA LYS B 276 -38.42 1.82 8.93
C LYS B 276 -37.80 0.43 8.86
N ASN B 277 -36.52 0.34 8.53
CA ASN B 277 -35.85 -0.92 8.19
C ASN B 277 -36.58 -1.64 7.08
N VAL B 278 -37.05 -0.91 6.06
CA VAL B 278 -37.47 -1.57 4.83
C VAL B 278 -36.25 -1.56 3.91
N GLY B 279 -35.51 -2.66 3.96
CA GLY B 279 -34.25 -2.76 3.28
C GLY B 279 -34.13 -4.05 2.50
N TRP B 280 -32.92 -4.24 1.96
CA TRP B 280 -32.50 -5.41 1.22
C TRP B 280 -31.11 -5.81 1.71
N ARG B 281 -30.85 -7.11 1.79
CA ARG B 281 -29.48 -7.56 1.99
C ARG B 281 -28.88 -7.71 0.60
N LEU B 282 -28.06 -6.74 0.20
CA LEU B 282 -27.43 -6.74 -1.11
C LEU B 282 -25.91 -6.90 -1.03
N ASP B 283 -25.33 -6.78 0.15
CA ASP B 283 -23.90 -6.79 0.37
C ASP B 283 -23.55 -8.04 1.14
N TYR B 284 -22.57 -8.80 0.63
CA TYR B 284 -22.26 -10.12 1.10
C TYR B 284 -20.76 -10.33 1.25
N PHE B 285 -20.41 -11.28 2.12
CA PHE B 285 -19.14 -11.99 2.08
C PHE B 285 -19.43 -13.44 1.70
N LEU B 286 -19.02 -13.86 0.52
CA LEU B 286 -19.09 -15.26 0.10
C LEU B 286 -17.72 -15.91 0.28
N LEU B 287 -17.72 -17.16 0.80
CA LEU B 287 -16.49 -17.88 1.11
C LEU B 287 -16.48 -19.25 0.44
N SER B 288 -15.27 -19.74 0.16
CA SER B 288 -15.10 -21.15 -0.15
C SER B 288 -15.39 -21.98 1.09
N HIS B 289 -15.91 -23.20 0.86
CA HIS B 289 -16.22 -24.07 1.99
CA HIS B 289 -16.21 -24.08 1.99
C HIS B 289 -14.99 -24.28 2.87
N SER B 290 -13.80 -24.33 2.27
CA SER B 290 -12.60 -24.58 3.03
C SER B 290 -12.34 -23.51 4.08
N LEU B 291 -12.91 -22.33 3.91
CA LEU B 291 -12.65 -21.25 4.85
C LEU B 291 -13.64 -21.18 6.00
N LEU B 292 -14.69 -22.00 6.01
CA LEU B 292 -15.62 -21.93 7.14
C LEU B 292 -15.00 -22.35 8.47
N PRO B 293 -14.07 -23.32 8.56
CA PRO B 293 -13.32 -23.50 9.80
C PRO B 293 -12.70 -22.23 10.35
N ALA B 294 -12.44 -21.27 9.45
CA ALA B 294 -11.80 -20.01 9.80
C ALA B 294 -12.79 -18.88 10.07
N LEU B 295 -14.06 -19.04 9.72
CA LEU B 295 -15.05 -18.00 9.89
C LEU B 295 -15.37 -17.76 11.37
N CYS B 296 -15.15 -16.54 11.85
CA CYS B 296 -15.47 -16.16 13.22
C CYS B 296 -16.81 -15.43 13.30
N ASP B 297 -17.04 -14.47 12.41
CA ASP B 297 -18.30 -13.75 12.39
C ASP B 297 -18.39 -12.98 11.08
N SER B 298 -19.62 -12.59 10.75
CA SER B 298 -19.88 -11.83 9.54
C SER B 298 -20.94 -10.82 9.96
N LYS B 299 -20.60 -9.52 9.98
CA LYS B 299 -21.37 -8.47 10.63
C LYS B 299 -22.07 -7.57 9.64
N ILE B 300 -23.17 -6.96 10.10
CA ILE B 300 -23.85 -5.89 9.39
C ILE B 300 -23.81 -4.63 10.27
N ARG B 301 -23.15 -3.58 9.77
CA ARG B 301 -22.95 -2.38 10.60
C ARG B 301 -24.08 -1.37 10.33
N SER B 302 -25.27 -1.70 10.86
CA SER B 302 -26.48 -0.99 10.46
C SER B 302 -26.47 0.47 10.89
N LYS B 303 -25.73 0.81 11.96
CA LYS B 303 -25.79 2.18 12.46
C LYS B 303 -24.88 3.13 11.69
N ALA B 304 -24.00 2.64 10.82
CA ALA B 304 -23.01 3.50 10.19
C ALA B 304 -23.60 4.17 8.94
N LEU B 305 -23.69 5.49 8.98
CA LEU B 305 -24.30 6.30 7.94
C LEU B 305 -23.23 6.74 6.93
N GLY B 306 -23.68 7.47 5.91
CA GLY B 306 -22.82 7.94 4.84
C GLY B 306 -23.17 7.43 3.46
N SER B 307 -24.08 6.46 3.37
CA SER B 307 -24.45 5.87 2.09
C SER B 307 -25.91 5.42 2.24
N ASP B 308 -26.51 4.97 1.14
CA ASP B 308 -27.73 4.19 1.29
C ASP B 308 -27.44 2.69 1.52
N HIS B 309 -26.17 2.30 1.52
CA HIS B 309 -25.74 1.01 2.04
C HIS B 309 -24.98 1.20 3.34
N CYS B 310 -25.01 0.16 4.17
CA CYS B 310 -24.26 0.07 5.41
C CYS B 310 -22.97 -0.74 5.20
N PRO B 311 -21.94 -0.58 6.00
CA PRO B 311 -20.79 -1.45 5.93
C PRO B 311 -21.15 -2.86 6.37
N ILE B 312 -20.32 -3.81 5.94
CA ILE B 312 -20.31 -5.18 6.46
C ILE B 312 -18.87 -5.56 6.75
N THR B 313 -18.68 -6.40 7.76
CA THR B 313 -17.34 -6.74 8.23
C THR B 313 -17.24 -8.22 8.51
N LEU B 314 -16.13 -8.80 8.10
CA LEU B 314 -15.84 -10.22 8.20
C LEU B 314 -14.65 -10.43 9.10
N TYR B 315 -14.74 -11.43 9.99
CA TYR B 315 -13.62 -11.84 10.81
C TYR B 315 -13.23 -13.27 10.46
N LEU B 316 -11.94 -13.48 10.20
CA LEU B 316 -11.44 -14.81 9.92
C LEU B 316 -10.24 -15.10 10.82
N ALA B 317 -10.10 -16.37 11.22
CA ALA B 317 -8.92 -16.86 11.92
C ALA B 317 -8.08 -17.62 10.91
N LEU B 318 -7.01 -16.99 10.43
CA LEU B 318 -6.15 -17.55 9.37
C LEU B 318 -4.76 -17.87 9.90
O5' 3DR C 11 24.35 -1.02 -7.54
P 3DR C 11 23.29 -1.76 -6.54
OP1 3DR C 11 23.81 -1.80 -5.11
OP2 3DR C 11 21.98 -1.06 -6.70
C2' 3DR C 11 28.13 0.57 -8.59
C5' 3DR C 11 25.76 -1.31 -7.47
C4' 3DR C 11 26.30 -0.96 -8.81
O4' 3DR C 11 25.89 0.37 -9.25
C1' 3DR C 11 27.03 1.24 -9.38
C3' 3DR C 11 27.83 -0.93 -8.76
O3' 3DR C 11 28.31 -1.39 -10.06
C2 PEG E . -1.36 2.79 -3.16
O2 PEG E . -0.59 1.65 -2.92
C3 PEG E . -0.53 0.77 -4.00
C4 PEG E . 0.80 0.01 -4.00
O4 PEG E . 0.92 -0.71 -2.82
#